data_1K8T
#
_entry.id   1K8T
#
_cell.length_a   50.476
_cell.length_b   203.604
_cell.length_c   74.034
_cell.angle_alpha   90.00
_cell.angle_beta   90.00
_cell.angle_gamma   90.00
#
_symmetry.space_group_name_H-M   'P 21 21 2'
#
loop_
_entity.id
_entity.type
_entity.pdbx_description
1 polymer 'CALMODULIN-SENSITIVE ADENYLATE CYCLASE'
2 non-polymer 'SULFATE ION'
3 non-polymer 'NICKEL (II) ION'
4 water water
#
_entity_poly.entity_id   1
_entity_poly.type   'polypeptide(L)'
_entity_poly.pdbx_seq_one_letter_code
;DRIDVLKGEKALKASGLVPEHADAFKKIARELNTYILFRPVNKLATNLIKSGVATKGLNVHGKSSDWGPVAGYIPFDQDL
SKKHGQQLAVEKGNLENKKSITEHEGEIGKIPLKLDHLRIEELKENGIILKGKKEIDNGKKYYLLESNNQVYEFRISDEN
NEVQYKTKEGKITVLGEKFNWRNIEVMAKNVEGVLKPLTADYDLFALAPSLTEIKKQIPQKEWDKVVNTPNSLEKQKGVT
NLLIKYGIERKPDSTKGTLSNWQKQMLDRLNEAVKYTGYTGGDVVNHGTEQDNEEFPEKDNEIFIINPEGEFILTKNWEM
TGRFIEKNITGKDYLYYFNRSYNKIAPGNKAYIEWTDPITKAKINTIPTSAEFIKNLSSIRRSSNVGVYKDSGDKDEFAK
KESVKKIAGYLSDYYNSANHIFSQEKKRKISIFRGIQAYNEIENVLKSKQIAPEYKNYFQYLKERITNQVQLLLTHQKSN
IEFKLLYKQLNFTENETDNFEVFQKIIDEK
;
_entity_poly.pdbx_strand_id   A
#
loop_
_chem_comp.id
_chem_comp.type
_chem_comp.name
_chem_comp.formula
NI non-polymer 'NICKEL (II) ION' 'Ni 2'
SO4 non-polymer 'SULFATE ION' 'O4 S -2'
#
# COMPACT_ATOMS: atom_id res chain seq x y z
N ASP A 1 -13.02 5.98 -11.77
CA ASP A 1 -11.86 5.15 -11.55
C ASP A 1 -10.69 5.58 -12.44
N ARG A 2 -10.93 5.69 -13.73
CA ARG A 2 -9.83 6.01 -14.63
C ARG A 2 -9.41 7.47 -14.53
N ILE A 3 -9.55 8.00 -13.35
CA ILE A 3 -9.16 9.39 -13.15
C ILE A 3 -7.78 9.66 -13.71
N ASP A 4 -7.63 10.30 -14.87
CA ASP A 4 -6.27 10.63 -15.38
C ASP A 4 -5.08 9.66 -15.07
N VAL A 5 -5.28 8.36 -15.33
CA VAL A 5 -4.23 7.36 -15.11
C VAL A 5 -3.33 7.34 -16.33
N LEU A 6 -2.13 6.81 -16.16
CA LEU A 6 -1.18 6.69 -17.25
C LEU A 6 -1.21 5.27 -17.72
N LYS A 7 -0.83 5.05 -18.96
CA LYS A 7 -0.81 3.70 -19.50
C LYS A 7 0.21 3.52 -20.62
N GLY A 8 0.45 2.27 -21.02
CA GLY A 8 1.41 2.04 -22.08
C GLY A 8 2.83 2.34 -21.65
N GLU A 9 3.62 2.89 -22.58
CA GLU A 9 5.01 3.23 -22.31
C GLU A 9 5.16 4.31 -21.25
N LYS A 10 4.23 5.25 -21.17
CA LYS A 10 4.36 6.29 -20.16
C LYS A 10 4.22 5.71 -18.77
N ALA A 11 3.41 4.67 -18.63
CA ALA A 11 3.21 4.03 -17.34
C ALA A 11 4.49 3.25 -16.99
N LEU A 12 5.05 2.59 -18.00
CA LEU A 12 6.27 1.84 -17.82
C LEU A 12 7.43 2.75 -17.39
N LYS A 13 7.55 3.93 -18.02
CA LYS A 13 8.65 4.80 -17.63
C LYS A 13 8.52 5.30 -16.21
N ALA A 14 7.31 5.63 -15.79
CA ALA A 14 7.11 6.13 -14.43
C ALA A 14 7.30 5.08 -13.32
N SER A 15 7.15 3.80 -13.65
CA SER A 15 7.26 2.71 -12.68
C SER A 15 8.66 2.30 -12.23
N GLY A 16 9.67 2.61 -13.03
CA GLY A 16 11.03 2.24 -12.68
C GLY A 16 11.43 0.80 -13.04
N LEU A 17 10.49 -0.12 -13.21
CA LEU A 17 10.86 -1.49 -13.55
C LEU A 17 11.68 -1.50 -14.85
N VAL A 18 12.62 -2.45 -15.00
CA VAL A 18 13.38 -2.47 -16.24
C VAL A 18 12.45 -3.04 -17.31
N PRO A 19 12.39 -2.36 -18.47
CA PRO A 19 11.55 -2.76 -19.59
C PRO A 19 11.43 -4.25 -19.92
N GLU A 20 12.54 -4.97 -19.91
CA GLU A 20 12.50 -6.40 -20.24
C GLU A 20 11.86 -7.26 -19.15
N HIS A 21 11.93 -6.78 -17.92
CA HIS A 21 11.36 -7.50 -16.79
C HIS A 21 9.85 -7.37 -16.82
N ALA A 22 9.38 -6.14 -17.01
CA ALA A 22 7.96 -5.85 -17.06
C ALA A 22 7.35 -6.63 -18.21
N ASP A 23 8.07 -6.72 -19.33
CA ASP A 23 7.58 -7.48 -20.48
C ASP A 23 7.43 -8.96 -20.16
N ALA A 24 8.36 -9.55 -19.42
CA ALA A 24 8.25 -10.95 -19.04
C ALA A 24 7.11 -11.15 -18.02
N PHE A 25 6.80 -10.11 -17.23
CA PHE A 25 5.72 -10.20 -16.26
C PHE A 25 4.41 -10.24 -17.04
N LYS A 26 4.34 -9.38 -18.06
CA LYS A 26 3.17 -9.31 -18.96
C LYS A 26 2.72 -10.71 -19.41
N LYS A 27 3.66 -11.60 -19.66
CA LYS A 27 3.30 -12.94 -20.09
C LYS A 27 2.71 -13.70 -18.92
N ILE A 28 3.35 -13.62 -17.76
CA ILE A 28 2.82 -14.32 -16.60
C ILE A 28 1.33 -13.95 -16.38
N ALA A 29 1.05 -12.65 -16.26
CA ALA A 29 -0.29 -12.14 -16.03
C ALA A 29 -1.28 -12.70 -17.05
N ARG A 30 -0.84 -12.78 -18.29
CA ARG A 30 -1.64 -13.28 -19.39
C ARG A 30 -1.78 -14.82 -19.33
N GLU A 31 -0.72 -15.55 -18.97
CA GLU A 31 -0.85 -17.00 -18.92
C GLU A 31 -1.68 -17.44 -17.75
N LEU A 32 -1.59 -16.69 -16.65
CA LEU A 32 -2.29 -17.01 -15.42
C LEU A 32 -3.60 -16.27 -15.15
N ASN A 33 -3.92 -15.27 -15.97
CA ASN A 33 -5.16 -14.49 -15.79
C ASN A 33 -5.14 -13.82 -14.43
N THR A 34 -4.11 -13.03 -14.17
CA THR A 34 -3.95 -12.37 -12.88
C THR A 34 -3.52 -10.92 -13.00
N TYR A 35 -3.97 -10.09 -12.06
CA TYR A 35 -3.51 -8.71 -12.06
C TYR A 35 -2.23 -8.72 -11.21
N ILE A 36 -1.23 -7.95 -11.62
CA ILE A 36 0.01 -7.84 -10.86
C ILE A 36 0.24 -6.35 -10.57
N LEU A 37 0.30 -5.97 -9.29
CA LEU A 37 0.53 -4.59 -8.92
C LEU A 37 1.86 -4.43 -8.19
N PHE A 38 2.62 -3.41 -8.57
CA PHE A 38 3.93 -3.10 -8.00
C PHE A 38 4.03 -1.67 -7.45
N ARG A 39 4.81 -1.49 -6.38
CA ARG A 39 5.02 -0.15 -5.87
C ARG A 39 6.03 0.36 -6.89
N PRO A 40 6.17 1.67 -7.01
CA PRO A 40 7.14 2.20 -7.97
C PRO A 40 8.57 2.00 -7.48
N VAL A 41 9.46 1.69 -8.41
CA VAL A 41 10.86 1.47 -8.09
C VAL A 41 11.64 2.76 -8.27
N ASN A 42 12.65 2.96 -7.42
CA ASN A 42 13.50 4.15 -7.49
C ASN A 42 14.08 4.20 -8.91
N LYS A 43 13.67 5.19 -9.69
CA LYS A 43 14.12 5.30 -11.08
C LYS A 43 15.62 5.32 -11.33
N LEU A 44 16.40 5.67 -10.31
CA LEU A 44 17.84 5.70 -10.45
C LEU A 44 18.42 4.34 -10.15
N ALA A 45 17.56 3.38 -9.84
CA ALA A 45 17.99 2.01 -9.55
C ALA A 45 17.77 1.08 -10.73
N THR A 46 16.99 1.53 -11.70
CA THR A 46 16.70 0.74 -12.90
C THR A 46 17.96 0.24 -13.61
N ASN A 47 18.89 1.13 -13.96
CA ASN A 47 20.13 0.71 -14.63
C ASN A 47 20.91 -0.28 -13.78
N LEU A 48 21.01 -0.02 -12.48
CA LEU A 48 21.73 -0.92 -11.60
C LEU A 48 21.12 -2.30 -11.72
N ILE A 49 19.80 -2.38 -11.59
CA ILE A 49 19.14 -3.67 -11.65
C ILE A 49 19.28 -4.39 -12.99
N LYS A 50 19.21 -3.65 -14.09
CA LYS A 50 19.34 -4.29 -15.39
C LYS A 50 20.80 -4.78 -15.61
N SER A 51 21.75 -4.09 -15.00
CA SER A 51 23.17 -4.45 -15.11
C SER A 51 23.58 -5.57 -14.14
N GLY A 52 22.60 -6.22 -13.50
CA GLY A 52 22.91 -7.32 -12.61
C GLY A 52 23.09 -7.09 -11.13
N VAL A 53 23.14 -5.85 -10.66
CA VAL A 53 23.31 -5.63 -9.24
C VAL A 53 22.19 -6.35 -8.47
N ALA A 54 22.55 -6.94 -7.33
CA ALA A 54 21.60 -7.67 -6.51
C ALA A 54 20.65 -6.71 -5.77
N THR A 55 19.45 -7.20 -5.45
CA THR A 55 18.45 -6.38 -4.76
C THR A 55 18.41 -6.64 -3.27
N LYS A 56 17.90 -5.69 -2.50
CA LYS A 56 17.85 -5.90 -1.05
C LYS A 56 16.67 -6.81 -0.72
N GLY A 57 16.84 -7.63 0.31
CA GLY A 57 15.77 -8.52 0.68
C GLY A 57 15.12 -8.11 1.99
N LEU A 58 14.69 -9.13 2.72
CA LEU A 58 14.04 -8.94 4.00
C LEU A 58 15.00 -8.34 5.05
N ASN A 59 16.25 -8.82 5.07
CA ASN A 59 17.23 -8.37 6.05
C ASN A 59 17.79 -6.95 5.98
N VAL A 60 17.45 -6.18 4.94
CA VAL A 60 17.95 -4.81 4.85
C VAL A 60 16.79 -3.86 4.64
N HIS A 61 16.62 -2.92 5.56
CA HIS A 61 15.52 -1.96 5.49
C HIS A 61 16.00 -0.53 5.26
N GLY A 62 17.25 -0.39 4.81
CA GLY A 62 17.80 0.92 4.58
C GLY A 62 17.35 1.47 3.26
N LYS A 63 16.97 2.74 3.26
CA LYS A 63 16.50 3.42 2.07
C LYS A 63 17.59 3.63 1.01
N SER A 64 17.23 3.44 -0.25
CA SER A 64 18.19 3.66 -1.32
C SER A 64 18.29 5.17 -1.53
N SER A 65 19.25 5.59 -2.33
CA SER A 65 19.45 7.00 -2.58
C SER A 65 18.85 7.43 -3.92
N ASP A 66 18.36 8.66 -3.96
CA ASP A 66 17.79 9.22 -5.18
C ASP A 66 18.70 10.32 -5.74
N TRP A 67 19.67 10.75 -4.93
CA TRP A 67 20.58 11.81 -5.35
C TRP A 67 22.07 11.46 -5.17
N GLY A 68 22.92 12.41 -5.55
CA GLY A 68 24.36 12.24 -5.44
C GLY A 68 24.98 11.10 -6.24
N PRO A 69 26.22 10.73 -5.93
CA PRO A 69 27.00 9.67 -6.59
C PRO A 69 26.53 8.29 -6.13
N VAL A 70 26.04 8.23 -4.90
CA VAL A 70 25.55 6.99 -4.32
C VAL A 70 24.14 6.64 -4.84
N ALA A 71 23.52 7.54 -5.58
CA ALA A 71 22.18 7.34 -6.12
C ALA A 71 21.96 5.92 -6.66
N GLY A 72 20.89 5.26 -6.19
CA GLY A 72 20.58 3.92 -6.64
C GLY A 72 20.96 2.84 -5.62
N TYR A 73 22.04 3.08 -4.87
CA TYR A 73 22.52 2.13 -3.89
C TYR A 73 21.95 2.48 -2.54
N ILE A 74 22.22 1.62 -1.56
CA ILE A 74 21.74 1.82 -0.19
C ILE A 74 22.90 2.26 0.69
N PRO A 75 22.95 3.55 1.02
CA PRO A 75 24.04 4.06 1.86
C PRO A 75 23.98 3.65 3.31
N PHE A 76 25.11 3.17 3.83
CA PHE A 76 25.18 2.79 5.22
C PHE A 76 24.77 4.00 6.05
N ASP A 77 25.24 5.17 5.62
CA ASP A 77 24.91 6.45 6.26
C ASP A 77 23.64 6.96 5.55
N GLN A 78 22.52 6.84 6.23
CA GLN A 78 21.24 7.23 5.66
C GLN A 78 21.05 8.72 5.36
N ASP A 79 22.02 9.55 5.71
CA ASP A 79 21.85 10.95 5.39
C ASP A 79 22.21 11.16 3.92
N LEU A 80 22.43 10.05 3.21
CA LEU A 80 22.75 10.09 1.80
C LEU A 80 21.64 9.41 1.00
N SER A 81 20.50 9.19 1.65
CA SER A 81 19.36 8.55 1.00
C SER A 81 18.31 9.61 0.63
N LYS A 82 17.18 9.15 0.11
CA LYS A 82 16.10 10.06 -0.28
C LYS A 82 15.71 10.93 0.90
N LYS A 83 16.27 10.62 2.07
CA LYS A 83 16.00 11.40 3.27
C LYS A 83 17.09 12.45 3.43
N HIS A 84 17.00 13.54 2.66
CA HIS A 84 17.98 14.61 2.72
C HIS A 84 18.34 15.08 4.12
N GLY A 85 17.32 15.44 4.90
CA GLY A 85 17.62 15.91 6.24
C GLY A 85 16.56 15.75 7.31
N GLN A 86 15.94 14.58 7.37
CA GLN A 86 14.93 14.36 8.38
C GLN A 86 15.61 13.68 9.56
N GLN A 87 15.86 14.43 10.64
CA GLN A 87 16.53 13.90 11.83
C GLN A 87 16.02 12.52 12.23
N LEU A 88 14.75 12.46 12.62
CA LEU A 88 14.12 11.21 13.04
C LEU A 88 14.33 10.05 12.06
N ALA A 89 14.12 10.33 10.77
CA ALA A 89 14.26 9.33 9.70
C ALA A 89 15.66 8.74 9.60
N VAL A 90 16.64 9.62 9.36
CA VAL A 90 18.04 9.22 9.24
C VAL A 90 18.52 8.41 10.44
N GLU A 91 18.11 8.80 11.65
CA GLU A 91 18.52 8.07 12.84
C GLU A 91 17.96 6.66 12.89
N LYS A 92 16.74 6.49 12.38
CA LYS A 92 16.10 5.18 12.37
C LYS A 92 16.79 4.30 11.34
N GLY A 93 17.17 4.91 10.22
CA GLY A 93 17.83 4.17 9.15
C GLY A 93 19.22 3.67 9.52
N ASN A 94 20.05 4.55 10.07
CA ASN A 94 21.40 4.20 10.46
C ASN A 94 21.38 3.04 11.44
N LEU A 95 20.43 3.07 12.37
CA LEU A 95 20.30 2.03 13.38
C LEU A 95 20.00 0.70 12.68
N GLU A 96 19.00 0.72 11.80
CA GLU A 96 18.60 -0.46 11.06
C GLU A 96 19.77 -1.01 10.30
N ASN A 97 20.61 -0.15 9.70
CA ASN A 97 21.75 -0.68 8.97
C ASN A 97 22.77 -1.34 9.91
N LYS A 98 22.95 -0.79 11.11
CA LYS A 98 23.90 -1.38 12.05
C LYS A 98 23.40 -2.75 12.49
N LYS A 99 22.10 -2.82 12.80
CA LYS A 99 21.50 -4.06 13.24
C LYS A 99 21.44 -5.11 12.13
N SER A 100 21.38 -4.66 10.88
CA SER A 100 21.36 -5.59 9.77
C SER A 100 22.66 -6.35 9.80
N ILE A 101 23.74 -5.65 10.13
CA ILE A 101 25.04 -6.30 10.15
C ILE A 101 25.22 -7.23 11.34
N THR A 102 24.77 -6.78 12.51
CA THR A 102 24.93 -7.58 13.71
C THR A 102 24.04 -8.83 13.74
N GLU A 103 22.79 -8.68 13.30
CA GLU A 103 21.83 -9.77 13.31
C GLU A 103 21.97 -10.89 12.27
N HIS A 104 22.76 -10.67 11.23
CA HIS A 104 22.88 -11.71 10.20
C HIS A 104 24.23 -12.41 10.09
N GLU A 105 25.01 -12.25 11.15
CA GLU A 105 26.34 -12.86 11.39
C GLU A 105 27.21 -13.06 10.19
N GLY A 106 27.28 -12.05 9.33
CA GLY A 106 28.15 -12.15 8.18
C GLY A 106 27.48 -12.15 6.81
N GLU A 107 26.20 -12.42 6.77
CA GLU A 107 25.52 -12.44 5.50
C GLU A 107 25.27 -11.04 4.92
N ILE A 108 25.39 -10.02 5.76
CA ILE A 108 25.18 -8.64 5.37
C ILE A 108 26.34 -7.80 5.89
N GLY A 109 26.86 -6.91 5.05
CA GLY A 109 27.95 -6.06 5.48
C GLY A 109 27.89 -4.74 4.75
N LYS A 110 29.03 -4.06 4.68
CA LYS A 110 29.13 -2.80 3.98
C LYS A 110 30.50 -2.77 3.32
N ILE A 111 30.55 -2.18 2.12
CA ILE A 111 31.78 -2.10 1.35
C ILE A 111 31.88 -0.70 0.75
N PRO A 112 33.09 -0.26 0.39
CA PRO A 112 33.25 1.08 -0.19
C PRO A 112 32.57 1.19 -1.55
N LEU A 113 31.82 2.27 -1.73
CA LEU A 113 31.13 2.52 -3.00
C LEU A 113 32.12 2.77 -4.14
N LYS A 114 31.94 2.05 -5.24
CA LYS A 114 32.84 2.21 -6.38
C LYS A 114 32.05 2.58 -7.65
N LEU A 115 32.10 3.84 -8.04
CA LEU A 115 31.41 4.29 -9.24
C LEU A 115 32.26 4.00 -10.47
N ASP A 116 32.03 2.86 -11.11
CA ASP A 116 32.80 2.51 -12.30
C ASP A 116 32.62 3.47 -13.47
N HIS A 117 33.22 3.09 -14.59
CA HIS A 117 33.23 3.85 -15.83
C HIS A 117 31.82 4.22 -16.30
N LEU A 118 31.10 3.22 -16.80
CA LEU A 118 29.73 3.41 -17.31
C LEU A 118 28.77 4.11 -16.36
N ARG A 119 28.87 3.84 -15.05
CA ARG A 119 27.98 4.46 -14.08
C ARG A 119 28.09 5.98 -14.09
N ILE A 120 29.31 6.50 -13.93
CA ILE A 120 29.57 7.94 -13.93
C ILE A 120 28.92 8.55 -15.18
N GLU A 121 29.02 7.83 -16.28
CA GLU A 121 28.43 8.27 -17.53
C GLU A 121 26.92 8.40 -17.37
N GLU A 122 26.30 7.32 -16.91
CA GLU A 122 24.85 7.27 -16.70
C GLU A 122 24.38 8.37 -15.75
N LEU A 123 25.19 8.69 -14.75
CA LEU A 123 24.83 9.74 -13.81
C LEU A 123 24.89 11.09 -14.52
N LYS A 124 25.81 11.19 -15.49
CA LYS A 124 25.96 12.40 -16.27
C LYS A 124 24.82 12.57 -17.27
N GLU A 125 24.28 11.45 -17.76
CA GLU A 125 23.15 11.49 -18.70
C GLU A 125 21.96 12.14 -18.00
N ASN A 126 21.86 11.95 -16.69
CA ASN A 126 20.78 12.51 -15.90
C ASN A 126 21.27 13.73 -15.13
N GLY A 127 20.37 14.36 -14.40
CA GLY A 127 20.73 15.55 -13.64
C GLY A 127 21.31 15.25 -12.26
N ILE A 128 22.21 14.25 -12.18
CA ILE A 128 22.83 13.86 -10.90
C ILE A 128 24.25 14.32 -10.51
N ILE A 129 25.22 14.12 -11.40
CA ILE A 129 26.58 14.58 -11.11
C ILE A 129 27.41 14.66 -12.39
N LEU A 130 28.47 15.45 -12.32
CA LEU A 130 29.39 15.62 -13.44
C LEU A 130 30.82 15.46 -12.90
N LYS A 131 31.73 14.98 -13.74
CA LYS A 131 33.13 14.80 -13.36
C LYS A 131 33.84 16.14 -13.45
N GLY A 132 35.09 16.22 -13.04
CA GLY A 132 35.74 17.51 -13.13
C GLY A 132 37.18 17.67 -12.71
N LYS A 133 37.49 18.91 -12.34
CA LYS A 133 38.82 19.35 -11.92
C LYS A 133 39.38 18.46 -10.80
N LYS A 134 40.57 17.92 -11.04
CA LYS A 134 41.26 17.05 -10.09
C LYS A 134 41.64 17.77 -8.78
N GLU A 135 42.11 17.01 -7.80
CA GLU A 135 42.49 17.55 -6.48
C GLU A 135 43.63 16.70 -5.90
N ILE A 136 44.48 17.32 -5.09
CA ILE A 136 45.61 16.63 -4.47
C ILE A 136 45.50 16.69 -2.95
N ASP A 137 45.63 15.54 -2.30
CA ASP A 137 45.55 15.45 -0.83
C ASP A 137 46.29 14.21 -0.30
N ASN A 138 47.31 14.44 0.53
CA ASN A 138 48.13 13.38 1.11
C ASN A 138 48.82 12.55 0.04
N GLY A 139 49.18 13.20 -1.06
CA GLY A 139 49.85 12.52 -2.16
C GLY A 139 48.88 11.65 -2.95
N LYS A 140 47.60 11.93 -2.78
CA LYS A 140 46.53 11.18 -3.45
C LYS A 140 45.97 11.94 -4.64
N LYS A 141 45.68 11.19 -5.70
CA LYS A 141 45.13 11.71 -6.94
C LYS A 141 43.59 11.69 -6.90
N TYR A 142 42.97 12.87 -6.99
CA TYR A 142 41.51 12.95 -6.94
C TYR A 142 40.84 13.71 -8.10
N TYR A 143 39.49 13.70 -8.08
CA TYR A 143 38.61 14.33 -9.06
C TYR A 143 37.32 14.69 -8.32
N LEU A 144 37.06 15.96 -8.00
CA LEU A 144 35.82 16.24 -7.31
C LEU A 144 34.62 15.84 -8.20
N LEU A 145 33.44 15.65 -7.59
CA LEU A 145 32.22 15.32 -8.30
C LEU A 145 31.12 16.29 -7.91
N GLU A 146 30.63 17.07 -8.88
CA GLU A 146 29.64 18.11 -8.62
C GLU A 146 28.24 17.53 -8.48
N SER A 147 27.64 17.84 -7.34
CA SER A 147 26.28 17.50 -6.96
C SER A 147 25.63 18.60 -6.15
N ASN A 148 24.41 18.93 -6.37
CA ASN A 148 23.75 20.07 -5.73
C ASN A 148 23.67 19.88 -4.22
N ASN A 149 24.43 19.02 -3.59
CA ASN A 149 24.41 18.82 -2.15
C ASN A 149 24.61 20.16 -1.42
N GLN A 150 23.64 20.47 -0.55
CA GLN A 150 23.78 21.66 0.27
C GLN A 150 24.87 21.48 1.31
N VAL A 151 24.90 20.28 1.91
CA VAL A 151 25.77 20.01 3.05
C VAL A 151 27.02 19.13 2.87
N TYR A 152 27.03 18.31 1.82
CA TYR A 152 28.18 17.41 1.62
C TYR A 152 28.98 17.69 0.36
N GLU A 153 30.23 17.23 0.36
CA GLU A 153 31.07 17.35 -0.81
C GLU A 153 31.61 15.96 -1.08
N PHE A 154 31.74 15.61 -2.35
CA PHE A 154 32.20 14.28 -2.71
C PHE A 154 33.41 14.39 -3.60
N ARG A 155 33.95 13.24 -3.98
CA ARG A 155 35.12 13.17 -4.84
C ARG A 155 35.41 11.70 -5.09
N ILE A 156 36.08 11.39 -6.21
CA ILE A 156 36.41 10.02 -6.56
C ILE A 156 37.93 9.81 -6.58
N SER A 157 38.37 8.58 -6.82
CA SER A 157 39.80 8.25 -6.87
C SER A 157 40.11 7.64 -8.25
N ASP A 158 41.40 7.47 -8.56
CA ASP A 158 41.82 6.99 -9.87
C ASP A 158 41.94 5.48 -10.08
N GLU A 159 42.84 4.82 -9.36
CA GLU A 159 43.01 3.38 -9.49
C GLU A 159 41.75 2.64 -9.05
N ASN A 160 41.32 2.93 -7.82
CA ASN A 160 40.11 2.35 -7.24
C ASN A 160 39.01 3.40 -7.37
N ASN A 161 37.83 2.99 -7.82
CA ASN A 161 36.73 3.93 -8.05
C ASN A 161 36.14 4.40 -6.74
N GLU A 162 36.78 4.16 -5.61
CA GLU A 162 36.27 4.58 -4.31
C GLU A 162 35.76 6.02 -4.36
N VAL A 163 34.68 6.28 -3.64
CA VAL A 163 34.09 7.61 -3.60
C VAL A 163 34.13 8.05 -2.15
N GLN A 164 34.52 9.30 -1.92
CA GLN A 164 34.64 9.79 -0.55
C GLN A 164 33.72 10.95 -0.26
N TYR A 165 33.64 11.34 1.01
CA TYR A 165 32.77 12.43 1.38
C TYR A 165 33.08 13.16 2.71
N LYS A 166 32.74 14.46 2.74
CA LYS A 166 32.97 15.33 3.90
C LYS A 166 31.91 16.43 4.00
N THR A 167 31.80 17.03 5.18
CA THR A 167 30.82 18.11 5.45
C THR A 167 31.32 19.45 4.90
N LYS A 168 30.38 20.35 4.55
CA LYS A 168 30.73 21.66 4.02
C LYS A 168 31.52 22.47 5.03
N GLU A 169 32.05 23.62 4.63
CA GLU A 169 32.88 24.43 5.50
C GLU A 169 32.25 24.57 6.89
N GLY A 170 31.11 25.25 6.98
CA GLY A 170 30.46 25.45 8.27
C GLY A 170 29.09 24.83 8.35
N LYS A 171 28.88 23.76 7.60
CA LYS A 171 27.59 23.07 7.62
C LYS A 171 27.61 21.88 8.57
N ILE A 172 26.47 21.56 9.14
CA ILE A 172 26.33 20.46 10.08
C ILE A 172 25.37 19.43 9.52
N THR A 173 25.59 18.16 9.77
CA THR A 173 24.71 17.14 9.29
C THR A 173 23.42 17.29 10.15
N VAL A 174 22.34 16.60 9.83
CA VAL A 174 21.11 16.77 10.59
C VAL A 174 21.15 16.12 11.97
N LEU A 175 22.28 15.51 12.33
CA LEU A 175 22.40 14.88 13.64
C LEU A 175 23.28 15.74 14.55
N GLY A 176 23.83 16.81 13.98
CA GLY A 176 24.69 17.70 14.74
C GLY A 176 26.13 17.23 14.66
N GLU A 177 26.58 16.92 13.44
CA GLU A 177 27.94 16.44 13.25
C GLU A 177 28.59 17.11 12.06
N LYS A 178 29.84 16.83 11.89
CA LYS A 178 30.71 17.33 10.83
C LYS A 178 32.00 16.54 10.74
N PHE A 179 32.60 16.42 9.62
CA PHE A 179 33.82 15.63 9.54
C PHE A 179 34.63 15.86 8.27
N ASN A 180 35.81 15.27 8.25
CA ASN A 180 36.72 15.36 7.13
C ASN A 180 36.46 14.15 6.27
N TRP A 181 37.17 14.05 5.16
CA TRP A 181 36.98 12.96 4.21
C TRP A 181 36.99 11.49 4.68
N ARG A 182 35.85 10.83 4.47
CA ARG A 182 35.62 9.41 4.79
C ARG A 182 35.13 8.72 3.53
N ASN A 183 35.49 7.46 3.31
CA ASN A 183 34.99 6.75 2.13
C ASN A 183 33.49 6.57 2.29
N ILE A 184 32.77 6.47 1.17
CA ILE A 184 31.32 6.27 1.24
C ILE A 184 31.07 4.77 1.22
N GLU A 185 30.44 4.27 2.26
CA GLU A 185 30.16 2.86 2.32
C GLU A 185 28.69 2.53 2.10
N VAL A 186 28.43 1.47 1.33
CA VAL A 186 27.08 1.02 1.00
C VAL A 186 26.78 -0.38 1.52
N MET A 187 25.50 -0.68 1.71
CA MET A 187 25.06 -1.98 2.21
C MET A 187 25.32 -3.09 1.20
N ALA A 188 25.71 -4.27 1.70
CA ALA A 188 26.04 -5.39 0.83
C ALA A 188 25.61 -6.78 1.31
N LYS A 189 25.62 -7.73 0.38
CA LYS A 189 25.25 -9.10 0.64
C LYS A 189 26.45 -10.04 0.38
N ASN A 190 26.64 -11.04 1.25
CA ASN A 190 27.71 -12.02 1.13
C ASN A 190 27.26 -13.10 0.16
N VAL A 191 27.77 -13.03 -1.07
CA VAL A 191 27.38 -13.99 -2.09
C VAL A 191 28.06 -15.35 -1.93
N GLU A 192 29.37 -15.41 -2.06
CA GLU A 192 30.06 -16.67 -1.88
C GLU A 192 31.37 -16.43 -1.12
N GLY A 193 31.34 -15.45 -0.22
CA GLY A 193 32.53 -15.13 0.55
C GLY A 193 32.90 -13.71 0.23
N VAL A 194 32.16 -13.15 -0.74
CA VAL A 194 32.38 -11.79 -1.20
C VAL A 194 31.15 -10.89 -1.07
N LEU A 195 31.36 -9.74 -0.44
CA LEU A 195 30.29 -8.76 -0.26
C LEU A 195 30.03 -8.05 -1.59
N LYS A 196 28.78 -8.10 -2.05
CA LYS A 196 28.36 -7.45 -3.29
C LYS A 196 27.40 -6.33 -2.90
N PRO A 197 27.46 -5.18 -3.58
CA PRO A 197 26.57 -4.05 -3.28
C PRO A 197 25.08 -4.38 -3.57
N LEU A 198 24.16 -3.66 -2.90
CA LEU A 198 22.73 -3.90 -3.06
C LEU A 198 22.01 -2.71 -3.63
N THR A 199 20.91 -2.96 -4.32
CA THR A 199 20.12 -1.84 -4.84
C THR A 199 18.64 -2.04 -4.50
N ALA A 200 17.78 -1.20 -5.06
CA ALA A 200 16.34 -1.31 -4.82
C ALA A 200 15.81 -2.60 -5.43
N ASP A 201 14.73 -3.11 -4.84
CA ASP A 201 14.06 -4.33 -5.31
C ASP A 201 12.67 -3.98 -5.83
N TYR A 202 12.01 -4.91 -6.52
CA TYR A 202 10.64 -4.68 -7.02
C TYR A 202 9.66 -5.07 -5.91
N ASP A 203 8.93 -4.10 -5.39
CA ASP A 203 7.95 -4.32 -4.34
C ASP A 203 6.56 -4.72 -4.82
N LEU A 204 6.18 -5.98 -4.65
CA LEU A 204 4.81 -6.37 -5.05
C LEU A 204 3.78 -5.70 -4.16
N PHE A 205 2.82 -4.99 -4.75
CA PHE A 205 1.78 -4.40 -3.96
C PHE A 205 0.73 -5.49 -3.75
N ALA A 206 0.39 -6.18 -4.84
CA ALA A 206 -0.60 -7.25 -4.77
C ALA A 206 -0.58 -8.12 -6.02
N LEU A 207 -1.22 -9.27 -5.88
CA LEU A 207 -1.40 -10.28 -6.93
C LEU A 207 -2.89 -10.62 -6.85
N ALA A 208 -3.66 -10.28 -7.87
CA ALA A 208 -5.09 -10.55 -7.80
C ALA A 208 -5.52 -11.57 -8.84
N PRO A 209 -5.68 -12.82 -8.41
CA PRO A 209 -6.09 -13.91 -9.29
C PRO A 209 -7.62 -13.90 -9.56
N SER A 210 -7.98 -14.53 -10.68
CA SER A 210 -9.35 -14.63 -11.12
C SER A 210 -10.15 -15.59 -10.27
N LEU A 211 -11.22 -15.10 -9.64
CA LEU A 211 -12.05 -15.98 -8.84
C LEU A 211 -12.78 -17.01 -9.70
N THR A 212 -13.33 -16.56 -10.83
CA THR A 212 -14.03 -17.49 -11.73
C THR A 212 -13.06 -18.57 -12.26
N GLU A 213 -11.84 -18.18 -12.62
CA GLU A 213 -10.83 -19.12 -13.08
C GLU A 213 -10.51 -20.13 -11.99
N ILE A 214 -10.47 -19.66 -10.74
CA ILE A 214 -10.18 -20.52 -9.60
C ILE A 214 -11.24 -21.57 -9.37
N LYS A 215 -12.49 -21.14 -9.49
CA LYS A 215 -13.63 -22.01 -9.30
C LYS A 215 -13.61 -23.14 -10.32
N LYS A 216 -13.20 -22.81 -11.54
CA LYS A 216 -13.15 -23.74 -12.65
C LYS A 216 -12.15 -24.85 -12.43
N GLN A 217 -11.15 -24.61 -11.58
CA GLN A 217 -10.11 -25.60 -11.32
C GLN A 217 -10.42 -26.54 -10.16
N ILE A 218 -11.43 -26.20 -9.37
CA ILE A 218 -11.80 -27.01 -8.23
C ILE A 218 -12.77 -28.12 -8.63
N PRO A 219 -12.64 -29.32 -8.03
CA PRO A 219 -13.59 -30.38 -8.43
C PRO A 219 -15.05 -29.89 -8.28
N GLN A 220 -15.81 -30.00 -9.36
CA GLN A 220 -17.22 -29.58 -9.40
C GLN A 220 -18.09 -30.13 -8.29
N LYS A 221 -17.91 -31.41 -7.97
CA LYS A 221 -18.70 -32.05 -6.94
C LYS A 221 -18.51 -31.35 -5.59
N GLU A 222 -17.25 -31.16 -5.21
CA GLU A 222 -16.93 -30.51 -3.94
C GLU A 222 -17.41 -29.06 -3.85
N TRP A 223 -17.24 -28.31 -4.93
CA TRP A 223 -17.65 -26.92 -4.98
C TRP A 223 -19.15 -26.75 -4.75
N ASP A 224 -19.95 -27.48 -5.52
CA ASP A 224 -21.41 -27.41 -5.39
C ASP A 224 -21.89 -27.85 -4.02
N LYS A 225 -21.11 -28.71 -3.37
CA LYS A 225 -21.47 -29.21 -2.06
C LYS A 225 -21.02 -28.25 -0.96
N VAL A 226 -20.07 -27.37 -1.25
CA VAL A 226 -19.60 -26.43 -0.24
C VAL A 226 -20.19 -25.03 -0.46
N VAL A 227 -20.62 -24.75 -1.68
CA VAL A 227 -21.18 -23.43 -1.95
C VAL A 227 -22.70 -23.43 -2.06
N ASN A 228 -23.24 -24.08 -3.07
CA ASN A 228 -24.69 -24.15 -3.27
C ASN A 228 -25.48 -24.78 -2.10
N THR A 229 -25.87 -23.97 -1.10
CA THR A 229 -26.62 -24.46 0.05
C THR A 229 -26.98 -23.32 1.00
N PRO A 230 -27.74 -23.61 2.05
CA PRO A 230 -28.40 -22.80 3.09
C PRO A 230 -27.92 -21.35 3.08
N ASN A 231 -26.64 -21.00 3.18
CA ASN A 231 -26.41 -19.57 3.20
C ASN A 231 -27.16 -18.88 2.06
N SER A 232 -28.17 -18.14 2.33
CA SER A 232 -29.05 -17.58 1.27
C SER A 232 -28.43 -16.68 0.17
N LEU A 233 -27.90 -15.57 0.48
CA LEU A 233 -27.18 -14.75 -0.49
C LEU A 233 -25.79 -14.41 0.03
N GLU A 234 -25.78 -13.61 1.08
CA GLU A 234 -24.56 -13.20 1.77
C GLU A 234 -24.05 -14.32 2.68
N LYS A 235 -22.90 -14.08 3.32
CA LYS A 235 -22.28 -15.04 4.25
C LYS A 235 -21.71 -16.34 3.62
N GLN A 236 -20.78 -16.14 2.68
CA GLN A 236 -20.12 -17.24 1.98
C GLN A 236 -18.84 -17.56 2.74
N LYS A 237 -18.95 -18.47 3.70
CA LYS A 237 -17.80 -18.87 4.50
C LYS A 237 -17.23 -20.05 3.73
N GLY A 238 -18.09 -20.69 2.96
CA GLY A 238 -17.68 -21.84 2.17
C GLY A 238 -16.63 -21.47 1.17
N VAL A 239 -16.87 -20.38 0.44
CA VAL A 239 -15.92 -19.93 -0.60
C VAL A 239 -14.55 -19.71 0.02
N THR A 240 -14.55 -19.12 1.20
CA THR A 240 -13.32 -18.82 1.93
C THR A 240 -12.54 -20.06 2.38
N ASN A 241 -13.26 -21.10 2.79
CA ASN A 241 -12.63 -22.34 3.23
C ASN A 241 -11.98 -23.10 2.07
N LEU A 242 -12.55 -22.97 0.88
CA LEU A 242 -12.00 -23.64 -0.28
C LEU A 242 -10.74 -22.94 -0.74
N LEU A 243 -10.77 -21.61 -0.72
CA LEU A 243 -9.62 -20.83 -1.13
C LEU A 243 -8.45 -21.10 -0.18
N ILE A 244 -8.76 -21.36 1.09
CA ILE A 244 -7.71 -21.66 2.07
C ILE A 244 -7.23 -23.12 1.87
N LYS A 245 -8.15 -24.01 1.59
CA LYS A 245 -7.82 -25.41 1.37
C LYS A 245 -6.90 -25.59 0.17
N TYR A 246 -7.20 -24.91 -0.91
CA TYR A 246 -6.37 -25.09 -2.09
C TYR A 246 -5.21 -24.12 -2.24
N GLY A 247 -4.76 -23.62 -1.09
CA GLY A 247 -3.62 -22.72 -1.08
C GLY A 247 -3.70 -21.45 -1.87
N ILE A 248 -4.88 -20.86 -2.00
CA ILE A 248 -5.05 -19.60 -2.73
C ILE A 248 -5.03 -18.43 -1.73
N GLU A 249 -5.69 -18.61 -0.59
CA GLU A 249 -5.75 -17.57 0.43
C GLU A 249 -5.02 -18.05 1.68
N ARG A 250 -4.28 -17.13 2.30
CA ARG A 250 -3.49 -17.42 3.48
C ARG A 250 -4.26 -17.94 4.69
N LYS A 251 -3.54 -18.72 5.51
CA LYS A 251 -4.04 -19.34 6.73
C LYS A 251 -4.95 -18.40 7.57
N PRO A 252 -5.80 -18.95 8.43
CA PRO A 252 -6.81 -18.23 9.33
C PRO A 252 -6.45 -17.02 10.18
N ASP A 253 -5.34 -17.17 10.82
CA ASP A 253 -4.75 -16.14 11.64
C ASP A 253 -3.41 -15.84 11.00
N SER A 254 -3.41 -14.91 10.10
CA SER A 254 -2.21 -14.52 9.34
C SER A 254 -1.03 -14.27 10.27
N THR A 255 -0.06 -15.19 10.23
CA THR A 255 1.15 -15.05 11.04
C THR A 255 1.76 -13.69 10.68
N LYS A 256 2.77 -13.25 11.40
CA LYS A 256 3.42 -11.96 11.19
C LYS A 256 3.35 -11.53 9.73
N GLY A 257 3.85 -12.37 8.81
CA GLY A 257 3.81 -12.00 7.40
C GLY A 257 3.92 -13.21 6.49
N THR A 258 3.06 -14.19 6.72
CA THR A 258 3.07 -15.39 5.92
C THR A 258 2.48 -15.16 4.54
N LEU A 259 2.85 -16.00 3.58
CA LEU A 259 2.35 -15.90 2.22
C LEU A 259 1.61 -17.19 1.89
N SER A 260 0.51 -17.07 1.15
CA SER A 260 -0.24 -18.25 0.76
C SER A 260 0.63 -19.07 -0.18
N ASN A 261 0.38 -20.36 -0.24
CA ASN A 261 1.12 -21.22 -1.11
C ASN A 261 1.05 -20.81 -2.62
N TRP A 262 -0.06 -20.20 -3.02
CA TRP A 262 -0.23 -19.73 -4.40
C TRP A 262 0.66 -18.50 -4.59
N GLN A 263 0.80 -17.71 -3.54
CA GLN A 263 1.62 -16.52 -3.60
C GLN A 263 3.10 -16.84 -3.67
N LYS A 264 3.51 -17.94 -3.06
CA LYS A 264 4.90 -18.36 -3.08
C LYS A 264 5.26 -18.86 -4.48
N GLN A 265 4.37 -19.61 -5.12
CA GLN A 265 4.63 -20.10 -6.46
C GLN A 265 4.65 -18.93 -7.43
N MET A 266 3.80 -17.94 -7.17
CA MET A 266 3.78 -16.76 -8.01
C MET A 266 5.11 -16.00 -7.90
N LEU A 267 5.71 -16.00 -6.70
CA LEU A 267 6.99 -15.32 -6.54
C LEU A 267 8.06 -16.03 -7.34
N ASP A 268 8.06 -17.36 -7.26
CA ASP A 268 9.02 -18.17 -7.98
C ASP A 268 8.89 -17.94 -9.47
N ARG A 269 7.65 -17.79 -9.95
CA ARG A 269 7.41 -17.57 -11.36
C ARG A 269 7.96 -16.22 -11.84
N LEU A 270 7.77 -15.19 -11.03
CA LEU A 270 8.24 -13.85 -11.36
C LEU A 270 9.75 -13.76 -11.38
N ASN A 271 10.38 -14.26 -10.32
CA ASN A 271 11.81 -14.22 -10.20
C ASN A 271 12.45 -15.08 -11.29
N GLU A 272 11.83 -16.21 -11.60
CA GLU A 272 12.32 -17.12 -12.64
C GLU A 272 12.25 -16.47 -14.00
N ALA A 273 11.20 -15.71 -14.24
CA ALA A 273 11.02 -15.05 -15.52
C ALA A 273 12.07 -13.97 -15.76
N VAL A 274 12.52 -13.33 -14.69
CA VAL A 274 13.51 -12.27 -14.74
C VAL A 274 14.91 -12.84 -14.93
N LYS A 275 15.15 -14.03 -14.38
CA LYS A 275 16.44 -14.69 -14.52
C LYS A 275 16.60 -15.09 -15.97
N TYR A 276 15.53 -15.64 -16.52
CA TYR A 276 15.49 -16.09 -17.89
C TYR A 276 15.84 -14.97 -18.88
N THR A 277 15.73 -13.72 -18.44
CA THR A 277 16.03 -12.56 -19.28
C THR A 277 17.46 -12.06 -19.07
N GLY A 278 18.31 -12.89 -18.46
CA GLY A 278 19.69 -12.51 -18.23
C GLY A 278 20.08 -11.94 -16.89
N TYR A 279 19.10 -11.67 -16.03
CA TYR A 279 19.40 -11.11 -14.72
C TYR A 279 20.24 -12.11 -13.94
N THR A 280 21.36 -11.64 -13.40
CA THR A 280 22.27 -12.51 -12.65
C THR A 280 22.48 -12.15 -11.18
N GLY A 281 21.64 -11.28 -10.65
CA GLY A 281 21.77 -10.89 -9.25
C GLY A 281 20.87 -11.64 -8.27
N GLY A 282 20.27 -12.73 -8.73
CA GLY A 282 19.39 -13.49 -7.85
C GLY A 282 17.94 -13.14 -8.04
N ASP A 283 17.21 -12.84 -6.96
CA ASP A 283 15.78 -12.50 -7.08
C ASP A 283 15.47 -11.00 -7.12
N VAL A 284 14.47 -10.62 -7.92
CA VAL A 284 14.08 -9.21 -7.99
C VAL A 284 12.88 -8.91 -7.08
N VAL A 285 12.03 -9.91 -6.86
CA VAL A 285 10.84 -9.80 -5.98
C VAL A 285 11.13 -10.65 -4.74
N ASN A 286 11.02 -10.07 -3.55
CA ASN A 286 11.36 -10.83 -2.33
C ASN A 286 10.27 -10.99 -1.26
N HIS A 287 9.08 -10.45 -1.50
CA HIS A 287 8.01 -10.56 -0.52
C HIS A 287 6.78 -9.95 -1.16
N GLY A 288 5.60 -10.26 -0.63
CA GLY A 288 4.39 -9.75 -1.24
C GLY A 288 3.47 -8.76 -0.55
N THR A 289 3.91 -8.18 0.56
CA THR A 289 3.11 -7.18 1.29
C THR A 289 3.42 -7.24 2.80
N ASN A 301 0.97 8.54 -3.86
CA ASN A 301 1.17 7.10 -3.73
C ASN A 301 0.72 6.38 -5.02
N GLU A 302 1.64 6.31 -5.99
CA GLU A 302 1.36 5.69 -7.27
C GLU A 302 1.49 4.18 -7.25
N ILE A 303 0.78 3.51 -8.18
CA ILE A 303 0.83 2.06 -8.27
C ILE A 303 0.94 1.61 -9.74
N PHE A 304 1.85 0.69 -10.03
CA PHE A 304 2.03 0.15 -11.39
C PHE A 304 1.22 -1.14 -11.52
N ILE A 305 0.38 -1.21 -12.55
CA ILE A 305 -0.50 -2.36 -12.78
C ILE A 305 -0.29 -3.02 -14.13
N ILE A 306 -0.31 -4.35 -14.12
CA ILE A 306 -0.17 -5.17 -15.33
C ILE A 306 -1.45 -6.02 -15.30
N ASN A 307 -2.36 -5.81 -16.28
CA ASN A 307 -3.60 -6.55 -16.26
C ASN A 307 -3.49 -7.89 -16.94
N PRO A 308 -4.58 -8.69 -16.89
CA PRO A 308 -4.66 -10.03 -17.49
C PRO A 308 -4.52 -10.02 -19.02
N GLU A 309 -4.43 -8.84 -19.60
CA GLU A 309 -4.25 -8.70 -21.05
C GLU A 309 -2.89 -8.16 -21.42
N GLY A 310 -1.98 -8.08 -20.45
CA GLY A 310 -0.67 -7.57 -20.73
C GLY A 310 -0.56 -6.06 -20.87
N GLU A 311 -1.56 -5.31 -20.43
CA GLU A 311 -1.47 -3.87 -20.55
C GLU A 311 -0.91 -3.22 -19.28
N PHE A 312 -0.27 -2.07 -19.46
CA PHE A 312 0.34 -1.33 -18.37
C PHE A 312 -0.46 -0.11 -17.99
N ILE A 313 -0.71 0.04 -16.71
CA ILE A 313 -1.46 1.18 -16.20
C ILE A 313 -0.75 1.72 -14.96
N LEU A 314 -0.88 3.01 -14.70
CA LEU A 314 -0.26 3.61 -13.53
C LEU A 314 -1.22 4.61 -12.87
N THR A 315 -1.58 4.37 -11.62
CA THR A 315 -2.50 5.23 -10.90
C THR A 315 -1.73 6.35 -10.22
N LYS A 316 -2.30 7.54 -10.21
CA LYS A 316 -1.60 8.69 -9.68
C LYS A 316 -1.57 8.90 -8.17
N ASN A 317 -2.58 8.40 -7.46
CA ASN A 317 -2.64 8.52 -6.00
C ASN A 317 -3.48 7.39 -5.47
N TRP A 318 -3.55 7.26 -4.15
CA TRP A 318 -4.31 6.18 -3.52
C TRP A 318 -5.81 6.13 -3.83
N GLU A 319 -6.50 7.26 -3.76
CA GLU A 319 -7.93 7.25 -4.05
C GLU A 319 -8.19 6.73 -5.46
N MET A 320 -7.34 7.11 -6.40
CA MET A 320 -7.51 6.67 -7.77
C MET A 320 -7.25 5.18 -7.87
N THR A 321 -6.25 4.67 -7.15
CA THR A 321 -5.99 3.26 -7.26
C THR A 321 -7.05 2.44 -6.51
N GLY A 322 -7.61 3.01 -5.46
CA GLY A 322 -8.67 2.31 -4.74
C GLY A 322 -9.86 2.18 -5.67
N ARG A 323 -10.19 3.24 -6.38
CA ARG A 323 -11.33 3.18 -7.30
C ARG A 323 -11.05 2.28 -8.52
N PHE A 324 -9.79 2.24 -8.97
CA PHE A 324 -9.44 1.39 -10.10
C PHE A 324 -9.60 -0.07 -9.71
N ILE A 325 -9.20 -0.40 -8.49
CA ILE A 325 -9.32 -1.78 -8.03
C ILE A 325 -10.79 -2.19 -7.93
N GLU A 326 -11.62 -1.29 -7.42
CA GLU A 326 -13.02 -1.64 -7.28
C GLU A 326 -13.73 -1.86 -8.60
N LYS A 327 -13.41 -1.04 -9.58
CA LYS A 327 -14.04 -1.13 -10.87
C LYS A 327 -13.54 -2.25 -11.82
N ASN A 328 -12.23 -2.45 -11.88
CA ASN A 328 -11.63 -3.43 -12.79
C ASN A 328 -11.13 -4.72 -12.24
N ILE A 329 -10.84 -4.76 -10.95
CA ILE A 329 -10.29 -5.94 -10.39
C ILE A 329 -11.34 -6.64 -9.57
N THR A 330 -11.69 -6.02 -8.45
CA THR A 330 -12.70 -6.59 -7.59
C THR A 330 -14.09 -6.64 -8.28
N GLY A 331 -14.42 -5.61 -9.05
CA GLY A 331 -15.69 -5.57 -9.74
C GLY A 331 -15.80 -6.50 -10.95
N LYS A 332 -14.70 -7.13 -11.35
CA LYS A 332 -14.69 -8.04 -12.48
C LYS A 332 -14.33 -9.44 -12.00
N ASP A 333 -14.50 -9.65 -10.71
CA ASP A 333 -14.23 -10.94 -10.06
C ASP A 333 -12.76 -11.37 -9.85
N TYR A 334 -11.87 -10.43 -9.71
CA TYR A 334 -10.53 -10.82 -9.39
C TYR A 334 -10.43 -10.66 -7.85
N LEU A 335 -9.50 -11.35 -7.20
CA LEU A 335 -9.41 -11.29 -5.73
C LEU A 335 -8.49 -10.25 -5.14
N TYR A 336 -9.04 -9.43 -4.26
CA TYR A 336 -8.27 -8.41 -3.57
C TYR A 336 -8.95 -7.96 -2.28
N TYR A 337 -8.17 -7.87 -1.21
CA TYR A 337 -8.70 -7.49 0.08
C TYR A 337 -8.22 -6.10 0.47
N PHE A 338 -9.10 -5.18 0.82
CA PHE A 338 -8.66 -3.84 1.22
C PHE A 338 -8.33 -3.75 2.73
N ASN A 339 -7.12 -3.31 3.07
CA ASN A 339 -6.73 -3.09 4.48
C ASN A 339 -6.73 -1.58 4.68
N ARG A 340 -6.62 -0.85 3.58
CA ARG A 340 -6.60 0.60 3.63
C ARG A 340 -7.85 1.14 2.93
N SER A 341 -8.44 2.19 3.51
CA SER A 341 -9.65 2.79 3.01
C SER A 341 -9.52 3.87 1.95
N TYR A 342 -10.62 4.13 1.26
CA TYR A 342 -10.68 5.14 0.20
C TYR A 342 -12.16 5.49 0.01
N ASN A 343 -12.45 6.61 -0.65
CA ASN A 343 -13.82 6.99 -0.91
C ASN A 343 -14.28 6.41 -2.27
N LYS A 344 -15.34 5.62 -2.25
CA LYS A 344 -15.83 4.99 -3.47
C LYS A 344 -16.34 5.98 -4.48
N ILE A 345 -16.79 7.13 -4.02
CA ILE A 345 -17.25 8.15 -4.93
C ILE A 345 -16.56 9.42 -4.54
N ALA A 346 -15.94 10.03 -5.53
CA ALA A 346 -15.17 11.23 -5.33
C ALA A 346 -15.94 12.49 -5.02
N PRO A 347 -15.25 13.46 -4.37
CA PRO A 347 -15.75 14.88 -3.93
C PRO A 347 -16.18 15.97 -4.93
N GLY A 348 -17.38 16.59 -4.91
CA GLY A 348 -17.74 17.47 -6.00
C GLY A 348 -17.43 18.93 -5.72
N ASN A 349 -18.37 19.58 -5.09
CA ASN A 349 -18.09 20.92 -4.60
C ASN A 349 -17.97 20.95 -3.09
N LYS A 350 -18.97 20.34 -2.44
CA LYS A 350 -19.01 20.25 -0.99
C LYS A 350 -18.04 19.16 -0.55
N ALA A 351 -16.89 19.61 -0.01
CA ALA A 351 -15.84 18.71 0.46
C ALA A 351 -16.34 17.77 1.56
N TYR A 352 -15.67 16.62 1.72
CA TYR A 352 -16.08 15.67 2.74
C TYR A 352 -15.56 16.13 4.10
N ILE A 353 -16.38 15.96 5.14
CA ILE A 353 -15.99 16.37 6.49
C ILE A 353 -14.77 15.55 6.92
N GLU A 354 -14.03 16.03 7.92
CA GLU A 354 -12.81 15.34 8.37
C GLU A 354 -12.74 15.12 9.87
N TRP A 355 -11.89 14.19 10.27
CA TRP A 355 -11.73 13.87 11.67
C TRP A 355 -10.24 13.92 11.90
N THR A 356 -9.81 14.45 13.04
CA THR A 356 -8.39 14.54 13.32
C THR A 356 -7.99 13.58 14.41
N ASP A 357 -6.96 12.78 14.14
CA ASP A 357 -6.48 11.84 15.14
C ASP A 357 -5.82 12.64 16.28
N PRO A 358 -6.27 12.44 17.52
CA PRO A 358 -5.75 13.15 18.69
C PRO A 358 -4.23 13.03 18.88
N ILE A 359 -3.72 11.85 18.57
CA ILE A 359 -2.31 11.52 18.68
C ILE A 359 -1.48 11.88 17.43
N THR A 360 -1.70 11.16 16.31
CA THR A 360 -0.93 11.39 15.07
C THR A 360 -1.18 12.76 14.42
N LYS A 361 -2.30 13.39 14.77
CA LYS A 361 -2.69 14.68 14.22
C LYS A 361 -2.98 14.61 12.72
N ALA A 362 -3.13 13.38 12.23
CA ALA A 362 -3.46 13.16 10.82
C ALA A 362 -4.97 13.39 10.64
N LYS A 363 -5.37 13.77 9.43
CA LYS A 363 -6.76 14.01 9.12
C LYS A 363 -7.30 12.95 8.19
N ILE A 364 -8.53 12.49 8.42
CA ILE A 364 -9.11 11.51 7.52
C ILE A 364 -10.48 11.96 7.09
N ASN A 365 -10.87 11.52 5.90
CA ASN A 365 -12.17 11.85 5.38
C ASN A 365 -12.81 10.63 4.72
N THR A 366 -12.41 9.46 5.19
CA THR A 366 -12.96 8.24 4.64
C THR A 366 -13.62 7.42 5.72
N ILE A 367 -14.35 6.41 5.30
CA ILE A 367 -14.95 5.48 6.23
C ILE A 367 -13.78 4.51 6.49
N PRO A 368 -13.34 4.39 7.74
CA PRO A 368 -12.23 3.48 8.05
C PRO A 368 -12.50 1.99 7.77
N THR A 369 -11.45 1.23 7.51
CA THR A 369 -11.54 -0.23 7.35
C THR A 369 -11.42 -0.70 8.80
N SER A 370 -11.53 -2.00 9.04
CA SER A 370 -11.46 -2.54 10.39
C SER A 370 -10.19 -2.17 11.19
N ALA A 371 -9.01 -2.40 10.62
CA ALA A 371 -7.76 -2.09 11.29
C ALA A 371 -7.58 -0.59 11.57
N GLU A 372 -8.09 0.28 10.69
CA GLU A 372 -7.96 1.71 10.92
C GLU A 372 -8.87 2.11 12.07
N PHE A 373 -10.06 1.51 12.12
CA PHE A 373 -11.02 1.76 13.16
C PHE A 373 -10.38 1.39 14.52
N ILE A 374 -9.74 0.22 14.58
CA ILE A 374 -9.08 -0.20 15.81
C ILE A 374 -7.98 0.78 16.22
N LYS A 375 -7.22 1.28 15.25
CA LYS A 375 -6.16 2.24 15.56
C LYS A 375 -6.74 3.59 16.02
N ASN A 376 -7.75 4.09 15.32
CA ASN A 376 -8.36 5.35 15.69
C ASN A 376 -8.80 5.26 17.16
N LEU A 377 -9.52 4.20 17.52
CA LEU A 377 -9.99 4.04 18.89
C LEU A 377 -8.81 4.01 19.85
N SER A 378 -7.68 3.53 19.36
CA SER A 378 -6.50 3.46 20.18
C SER A 378 -5.93 4.86 20.44
N SER A 379 -6.00 5.73 19.44
CA SER A 379 -5.51 7.08 19.64
C SER A 379 -6.39 7.76 20.70
N ILE A 380 -7.70 7.65 20.56
CA ILE A 380 -8.62 8.25 21.49
C ILE A 380 -8.39 7.74 22.92
N ARG A 381 -8.15 6.42 23.07
CA ARG A 381 -7.91 5.84 24.38
C ARG A 381 -6.68 6.43 25.05
N ARG A 382 -5.65 6.69 24.25
CA ARG A 382 -4.40 7.24 24.76
C ARG A 382 -4.60 8.67 25.20
N SER A 383 -5.02 9.47 24.26
CA SER A 383 -5.29 10.88 24.44
C SER A 383 -6.26 11.23 25.57
N SER A 384 -7.31 10.45 25.77
CA SER A 384 -8.28 10.75 26.82
C SER A 384 -8.12 9.90 28.08
N ASN A 385 -7.37 8.80 27.96
CA ASN A 385 -7.08 7.88 29.03
C ASN A 385 -8.25 7.07 29.58
N VAL A 386 -9.29 6.91 28.77
CA VAL A 386 -10.45 6.10 29.16
C VAL A 386 -10.89 5.24 27.96
N GLY A 387 -11.66 4.19 28.23
CA GLY A 387 -12.12 3.30 27.18
C GLY A 387 -13.44 3.77 26.59
N VAL A 388 -13.93 3.06 25.58
CA VAL A 388 -15.18 3.40 24.90
C VAL A 388 -16.39 3.53 25.83
N TYR A 389 -16.53 2.61 26.78
CA TYR A 389 -17.65 2.67 27.74
C TYR A 389 -17.20 3.19 29.13
N LYS A 390 -18.16 3.57 29.99
CA LYS A 390 -17.85 4.19 31.33
C LYS A 390 -18.12 3.48 32.64
N ASP A 391 -19.07 2.54 32.64
CA ASP A 391 -19.52 1.75 33.78
C ASP A 391 -18.40 0.88 34.33
N SER A 392 -17.92 1.22 35.53
CA SER A 392 -16.80 0.51 36.12
C SER A 392 -17.16 -0.70 36.96
N GLY A 393 -16.32 -1.73 36.86
CA GLY A 393 -16.64 -2.99 37.50
C GLY A 393 -17.48 -3.48 36.33
N ASP A 394 -16.83 -3.60 35.17
CA ASP A 394 -17.49 -4.01 33.94
C ASP A 394 -18.68 -4.91 34.23
N LYS A 395 -19.84 -4.57 33.68
CA LYS A 395 -21.02 -5.41 33.76
C LYS A 395 -21.45 -5.28 32.31
N ASP A 396 -21.89 -6.38 31.69
CA ASP A 396 -22.25 -6.34 30.27
C ASP A 396 -20.94 -6.18 29.53
N GLU A 397 -19.83 -6.52 30.19
CA GLU A 397 -18.50 -6.41 29.61
C GLU A 397 -18.38 -7.27 28.35
N PHE A 398 -19.27 -8.24 28.20
CA PHE A 398 -19.27 -9.12 27.05
C PHE A 398 -19.85 -8.46 25.80
N ALA A 399 -21.06 -7.91 25.93
CA ALA A 399 -21.74 -7.26 24.82
C ALA A 399 -21.00 -6.01 24.38
N LYS A 400 -20.44 -5.30 25.36
CA LYS A 400 -19.68 -4.07 25.11
C LYS A 400 -18.51 -4.32 24.16
N LYS A 401 -17.76 -5.37 24.43
CA LYS A 401 -16.62 -5.75 23.61
C LYS A 401 -17.10 -6.22 22.24
N GLU A 402 -18.16 -7.03 22.26
CA GLU A 402 -18.76 -7.59 21.07
C GLU A 402 -19.25 -6.47 20.17
N SER A 403 -19.83 -5.46 20.80
CA SER A 403 -20.36 -4.32 20.10
C SER A 403 -19.34 -3.62 19.23
N VAL A 404 -18.15 -3.38 19.78
CA VAL A 404 -17.10 -2.71 19.04
C VAL A 404 -16.57 -3.61 17.95
N LYS A 405 -16.56 -4.91 18.23
CA LYS A 405 -16.09 -5.89 17.27
C LYS A 405 -17.03 -5.97 16.07
N LYS A 406 -18.33 -5.90 16.32
CA LYS A 406 -19.28 -5.96 15.22
C LYS A 406 -19.14 -4.78 14.28
N ILE A 407 -18.90 -3.57 14.85
CA ILE A 407 -18.71 -2.37 14.05
C ILE A 407 -17.47 -2.53 13.16
N ALA A 408 -16.36 -2.98 13.75
CA ALA A 408 -15.12 -3.18 13.00
C ALA A 408 -15.32 -4.17 11.85
N GLY A 409 -16.15 -5.18 12.10
CA GLY A 409 -16.40 -6.20 11.10
C GLY A 409 -17.19 -5.68 9.92
N TYR A 410 -18.18 -4.83 10.21
CA TYR A 410 -19.02 -4.25 9.17
C TYR A 410 -18.27 -3.19 8.38
N LEU A 411 -17.39 -2.47 9.03
CA LEU A 411 -16.58 -1.46 8.35
C LEU A 411 -15.75 -2.18 7.30
N SER A 412 -15.16 -3.32 7.66
CA SER A 412 -14.37 -4.03 6.66
C SER A 412 -15.29 -4.67 5.59
N ASP A 413 -16.46 -5.18 6.00
CA ASP A 413 -17.42 -5.76 5.06
C ASP A 413 -17.83 -4.72 4.01
N TYR A 414 -17.95 -3.48 4.43
CA TYR A 414 -18.32 -2.43 3.50
C TYR A 414 -17.39 -2.43 2.28
N TYR A 415 -16.12 -2.72 2.53
CA TYR A 415 -15.12 -2.72 1.49
C TYR A 415 -14.85 -4.10 0.90
N ASN A 416 -15.14 -5.14 1.66
CA ASN A 416 -14.74 -6.44 1.20
C ASN A 416 -15.73 -7.58 1.03
N SER A 417 -16.94 -7.49 1.57
CA SER A 417 -17.91 -8.57 1.39
C SER A 417 -18.10 -8.99 -0.08
N ALA A 418 -17.94 -8.04 -1.00
CA ALA A 418 -18.11 -8.30 -2.42
C ALA A 418 -16.96 -9.05 -3.07
N ASN A 419 -15.90 -9.30 -2.31
CA ASN A 419 -14.70 -9.98 -2.83
C ASN A 419 -15.02 -11.41 -3.22
N HIS A 420 -15.85 -12.08 -2.43
CA HIS A 420 -16.19 -13.47 -2.70
C HIS A 420 -17.55 -13.66 -3.37
N ILE A 421 -18.18 -12.56 -3.78
CA ILE A 421 -19.47 -12.59 -4.45
C ILE A 421 -19.28 -12.50 -5.94
N PHE A 422 -19.84 -13.47 -6.65
CA PHE A 422 -19.74 -13.58 -8.10
C PHE A 422 -20.53 -12.58 -8.92
N SER A 423 -21.81 -12.41 -8.56
CA SER A 423 -22.69 -11.47 -9.26
C SER A 423 -22.27 -10.01 -9.08
N GLN A 424 -21.86 -9.38 -10.18
CA GLN A 424 -21.43 -8.00 -10.12
C GLN A 424 -22.51 -7.01 -9.67
N GLU A 425 -23.76 -7.28 -9.98
CA GLU A 425 -24.82 -6.38 -9.54
C GLU A 425 -25.07 -6.60 -8.05
N LYS A 426 -24.77 -7.80 -7.57
CA LYS A 426 -24.98 -8.07 -6.17
C LYS A 426 -23.83 -7.42 -5.35
N LYS A 427 -22.65 -7.28 -5.95
CA LYS A 427 -21.50 -6.68 -5.27
C LYS A 427 -21.80 -5.30 -4.69
N ARG A 428 -22.38 -4.42 -5.50
CA ARG A 428 -22.67 -3.07 -5.06
C ARG A 428 -23.77 -3.03 -4.01
N LYS A 429 -24.71 -3.94 -4.17
CA LYS A 429 -25.87 -4.04 -3.30
C LYS A 429 -25.48 -4.52 -1.92
N ILE A 430 -24.56 -5.48 -1.84
CA ILE A 430 -24.13 -6.00 -0.55
C ILE A 430 -23.25 -4.98 0.16
N SER A 431 -22.46 -4.25 -0.61
CA SER A 431 -21.59 -3.25 -0.04
C SER A 431 -22.39 -2.15 0.64
N ILE A 432 -23.41 -1.64 -0.04
CA ILE A 432 -24.26 -0.60 0.53
C ILE A 432 -24.93 -1.10 1.81
N PHE A 433 -25.50 -2.30 1.74
CA PHE A 433 -26.17 -2.89 2.89
C PHE A 433 -25.20 -3.02 4.08
N ARG A 434 -23.95 -3.39 3.81
CA ARG A 434 -22.97 -3.53 4.88
C ARG A 434 -22.72 -2.19 5.56
N GLY A 435 -22.65 -1.14 4.75
CA GLY A 435 -22.46 0.19 5.30
C GLY A 435 -23.62 0.51 6.20
N ILE A 436 -24.82 0.12 5.79
CA ILE A 436 -26.04 0.36 6.59
C ILE A 436 -26.02 -0.45 7.88
N GLN A 437 -25.47 -1.66 7.85
CA GLN A 437 -25.38 -2.44 9.08
C GLN A 437 -24.44 -1.74 10.06
N ALA A 438 -23.32 -1.23 9.55
CA ALA A 438 -22.34 -0.52 10.37
C ALA A 438 -23.02 0.66 11.05
N TYR A 439 -23.75 1.47 10.25
CA TYR A 439 -24.46 2.62 10.78
C TYR A 439 -25.36 2.21 11.93
N ASN A 440 -26.16 1.17 11.71
CA ASN A 440 -27.08 0.66 12.70
C ASN A 440 -26.40 0.27 14.01
N GLU A 441 -25.29 -0.45 13.91
CA GLU A 441 -24.55 -0.89 15.08
C GLU A 441 -23.98 0.29 15.85
N ILE A 442 -23.45 1.27 15.13
CA ILE A 442 -22.89 2.46 15.74
C ILE A 442 -23.99 3.22 16.49
N GLU A 443 -25.12 3.39 15.84
CA GLU A 443 -26.23 4.10 16.45
C GLU A 443 -26.69 3.40 17.74
N ASN A 444 -26.70 2.06 17.76
CA ASN A 444 -27.08 1.32 18.96
C ASN A 444 -26.10 1.57 20.11
N VAL A 445 -24.81 1.61 19.79
CA VAL A 445 -23.79 1.87 20.81
C VAL A 445 -24.10 3.23 21.43
N LEU A 446 -24.44 4.21 20.59
CA LEU A 446 -24.78 5.53 21.08
C LEU A 446 -26.13 5.55 21.82
N LYS A 447 -26.99 4.56 21.56
CA LYS A 447 -28.30 4.54 22.23
C LYS A 447 -28.27 3.91 23.62
N SER A 448 -27.12 3.38 24.03
CA SER A 448 -26.98 2.77 25.35
C SER A 448 -26.72 3.93 26.30
N LYS A 449 -26.19 5.02 25.73
CA LYS A 449 -25.86 6.24 26.45
C LYS A 449 -24.75 5.99 27.47
N GLN A 450 -23.92 4.99 27.19
CA GLN A 450 -22.82 4.67 28.08
C GLN A 450 -21.48 4.76 27.33
N ILE A 451 -21.36 5.82 26.55
CA ILE A 451 -20.17 6.11 25.73
C ILE A 451 -19.49 7.37 26.20
N ALA A 452 -18.19 7.31 26.38
CA ALA A 452 -17.45 8.49 26.79
C ALA A 452 -17.62 9.52 25.68
N PRO A 453 -17.36 10.80 25.98
CA PRO A 453 -17.48 11.90 25.01
C PRO A 453 -16.48 12.07 23.86
N GLU A 454 -15.24 11.60 24.00
CA GLU A 454 -14.31 11.79 22.87
C GLU A 454 -14.64 10.77 21.81
N TYR A 455 -15.20 9.66 22.25
CA TYR A 455 -15.59 8.62 21.32
C TYR A 455 -16.91 9.02 20.66
N LYS A 456 -17.73 9.77 21.37
CA LYS A 456 -19.02 10.19 20.84
C LYS A 456 -18.85 11.04 19.56
N ASN A 457 -17.86 11.91 19.56
CA ASN A 457 -17.58 12.75 18.43
C ASN A 457 -17.16 11.94 17.20
N TYR A 458 -16.29 10.96 17.44
CA TYR A 458 -15.79 10.09 16.40
C TYR A 458 -16.89 9.22 15.79
N PHE A 459 -17.84 8.82 16.61
CA PHE A 459 -18.95 8.00 16.15
C PHE A 459 -19.91 8.82 15.31
N GLN A 460 -20.01 10.11 15.61
CA GLN A 460 -20.87 10.98 14.84
C GLN A 460 -20.22 11.18 13.50
N TYR A 461 -18.89 11.24 13.47
CA TYR A 461 -18.19 11.38 12.19
C TYR A 461 -18.43 10.16 11.31
N LEU A 462 -18.41 8.97 11.90
CA LEU A 462 -18.63 7.75 11.14
C LEU A 462 -20.03 7.74 10.60
N LYS A 463 -20.98 8.13 11.41
CA LYS A 463 -22.36 8.16 10.98
C LYS A 463 -22.56 9.08 9.75
N GLU A 464 -21.91 10.23 9.77
CA GLU A 464 -22.04 11.18 8.66
C GLU A 464 -21.40 10.69 7.39
N ARG A 465 -20.14 10.24 7.44
CA ARG A 465 -19.49 9.73 6.24
C ARG A 465 -20.29 8.55 5.68
N ILE A 466 -20.69 7.62 6.53
CA ILE A 466 -21.46 6.48 6.07
C ILE A 466 -22.72 6.95 5.32
N THR A 467 -23.49 7.81 5.98
CA THR A 467 -24.69 8.39 5.43
C THR A 467 -24.41 9.02 4.04
N ASN A 468 -23.34 9.83 3.99
CA ASN A 468 -22.95 10.50 2.76
C ASN A 468 -22.65 9.51 1.63
N GLN A 469 -21.75 8.56 1.87
CA GLN A 469 -21.38 7.57 0.85
C GLN A 469 -22.52 6.65 0.42
N VAL A 470 -23.34 6.19 1.37
CA VAL A 470 -24.44 5.33 1.04
C VAL A 470 -25.44 6.12 0.20
N GLN A 471 -25.60 7.41 0.47
CA GLN A 471 -26.52 8.21 -0.34
C GLN A 471 -25.98 8.38 -1.77
N LEU A 472 -24.68 8.63 -1.92
CA LEU A 472 -24.10 8.76 -3.25
C LEU A 472 -24.05 7.44 -4.04
N LEU A 473 -24.00 6.30 -3.35
CA LEU A 473 -23.94 5.00 -4.03
C LEU A 473 -25.32 4.62 -4.58
N LEU A 474 -26.37 4.76 -3.76
CA LEU A 474 -27.74 4.46 -4.17
C LEU A 474 -28.06 5.30 -5.41
N THR A 475 -27.84 6.61 -5.32
CA THR A 475 -28.07 7.51 -6.44
C THR A 475 -27.24 7.19 -7.69
N HIS A 476 -26.02 6.68 -7.51
CA HIS A 476 -25.17 6.33 -8.64
C HIS A 476 -25.88 5.23 -9.44
N GLN A 477 -26.54 4.31 -8.75
CA GLN A 477 -27.28 3.25 -9.43
C GLN A 477 -28.57 3.81 -10.04
N LYS A 478 -29.45 4.35 -9.21
CA LYS A 478 -30.75 4.90 -9.62
C LYS A 478 -30.82 6.38 -9.23
N SER A 479 -30.52 7.27 -10.20
CA SER A 479 -30.49 8.71 -9.95
C SER A 479 -31.75 9.35 -9.40
N ASN A 480 -32.88 8.66 -9.46
CA ASN A 480 -34.10 9.26 -8.93
C ASN A 480 -34.60 8.45 -7.74
N ILE A 481 -33.70 7.74 -7.06
CA ILE A 481 -34.13 6.90 -5.95
C ILE A 481 -34.62 7.69 -4.74
N GLU A 482 -34.06 8.85 -4.48
CA GLU A 482 -34.54 9.62 -3.33
C GLU A 482 -36.03 9.94 -3.54
N PHE A 483 -36.36 10.47 -4.71
CA PHE A 483 -37.74 10.80 -5.09
C PHE A 483 -38.61 9.56 -4.95
N LYS A 484 -38.17 8.44 -5.51
CA LYS A 484 -38.94 7.20 -5.47
C LYS A 484 -39.18 6.58 -4.09
N LEU A 485 -38.18 6.64 -3.21
CA LEU A 485 -38.35 6.10 -1.86
C LEU A 485 -39.51 6.79 -1.18
N LEU A 486 -39.67 8.08 -1.45
CA LEU A 486 -40.76 8.85 -0.89
C LEU A 486 -42.04 8.67 -1.70
N TYR A 487 -41.94 8.79 -3.02
CA TYR A 487 -43.09 8.69 -3.92
C TYR A 487 -43.89 7.40 -3.81
N LYS A 488 -43.20 6.27 -3.71
CA LYS A 488 -43.87 4.98 -3.60
C LYS A 488 -44.71 4.89 -2.34
N GLN A 489 -44.38 5.68 -1.34
CA GLN A 489 -45.11 5.68 -0.07
C GLN A 489 -46.35 6.58 -0.08
N LEU A 490 -46.55 7.30 -1.17
CA LEU A 490 -47.70 8.20 -1.26
C LEU A 490 -48.90 7.53 -1.93
N ASN A 491 -50.07 8.09 -1.71
CA ASN A 491 -51.28 7.53 -2.28
C ASN A 491 -52.17 8.62 -2.84
N PHE A 492 -52.25 8.68 -4.16
CA PHE A 492 -53.05 9.70 -4.80
C PHE A 492 -54.50 9.32 -5.03
N THR A 493 -54.89 8.18 -4.47
CA THR A 493 -56.27 7.68 -4.54
C THR A 493 -57.04 8.36 -3.42
N GLU A 494 -56.29 8.87 -2.44
CA GLU A 494 -56.85 9.57 -1.30
C GLU A 494 -57.07 10.99 -1.78
N ASN A 495 -57.68 11.81 -0.93
CA ASN A 495 -57.90 13.20 -1.28
C ASN A 495 -56.67 13.99 -0.90
N GLU A 496 -56.43 15.05 -1.66
CA GLU A 496 -55.31 15.94 -1.48
C GLU A 496 -54.87 16.21 -0.03
N THR A 497 -55.80 16.56 0.85
CA THR A 497 -55.46 16.87 2.23
C THR A 497 -54.90 15.69 2.99
N ASP A 498 -55.54 14.53 2.88
CA ASP A 498 -55.08 13.31 3.57
C ASP A 498 -53.71 12.92 3.07
N ASN A 499 -53.56 12.94 1.75
CA ASN A 499 -52.30 12.59 1.11
C ASN A 499 -51.19 13.54 1.51
N PHE A 500 -51.52 14.78 1.85
CA PHE A 500 -50.49 15.73 2.23
C PHE A 500 -50.03 15.50 3.67
N GLU A 501 -50.88 14.90 4.50
CA GLU A 501 -50.52 14.62 5.89
C GLU A 501 -49.53 13.47 5.90
N VAL A 502 -49.77 12.47 5.06
CA VAL A 502 -48.89 11.29 4.94
C VAL A 502 -47.50 11.78 4.54
N PHE A 503 -47.46 12.54 3.46
CA PHE A 503 -46.22 13.13 2.95
C PHE A 503 -45.48 13.85 4.08
N GLN A 504 -46.21 14.68 4.81
CA GLN A 504 -45.64 15.45 5.92
C GLN A 504 -45.13 14.58 7.08
N LYS A 505 -45.75 13.42 7.32
CA LYS A 505 -45.25 12.55 8.39
C LYS A 505 -43.91 11.95 7.95
N ILE A 506 -43.91 11.36 6.75
CA ILE A 506 -42.71 10.73 6.20
C ILE A 506 -41.44 11.56 6.20
N ILE A 507 -41.53 12.82 5.78
CA ILE A 507 -40.34 13.65 5.72
C ILE A 507 -40.04 14.37 7.03
N ASP A 508 -40.98 14.33 7.97
CA ASP A 508 -40.78 14.98 9.26
C ASP A 508 -40.13 14.03 10.29
N GLU A 509 -40.48 12.75 10.21
CA GLU A 509 -39.95 11.75 11.13
C GLU A 509 -38.43 11.61 11.03
S SO4 B . 13.76 2.07 -1.54
O1 SO4 B . 14.92 2.71 -1.01
O2 SO4 B . 13.89 0.58 -1.39
O3 SO4 B . 12.48 2.59 -0.83
O4 SO4 B . 13.57 2.49 -3.00
S SO4 C . -23.10 -15.16 -5.67
O1 SO4 C . -21.93 -14.80 -4.87
O2 SO4 C . -23.14 -16.66 -5.83
O3 SO4 C . -24.43 -14.68 -5.05
O4 SO4 C . -23.03 -14.45 -7.03
S SO4 D . -4.96 -18.98 -11.65
O1 SO4 D . -3.69 -18.73 -10.98
O2 SO4 D . -4.68 -19.56 -13.02
O3 SO4 D . -5.86 -19.96 -10.88
O4 SO4 D . -5.80 -17.67 -11.73
S SO4 E . -39.12 6.10 -14.04
O1 SO4 E . -38.35 7.22 -13.52
O2 SO4 E . -38.18 4.98 -14.44
O3 SO4 E . -40.15 5.56 -13.02
O4 SO4 E . -39.98 6.63 -15.22
NI NI F . 11.25 -4.52 -0.16
#